data_5GOX
#
_entry.id   5GOX
#
_cell.length_a   42.180
_cell.length_b   61.972
_cell.length_c   81.540
_cell.angle_alpha   90.00
_cell.angle_beta   99.75
_cell.angle_gamma   90.00
#
_symmetry.space_group_name_H-M   'P 1 21 1'
#
loop_
_entity.id
_entity.type
_entity.pdbx_description
1 polymer 'DNA repair protein RAD50'
2 non-polymer GLYCEROL
3 non-polymer 'ZINC ION'
4 water water
#
_entity_poly.entity_id   1
_entity_poly.type   'polypeptide(L)'
_entity_poly.pdbx_seq_one_letter_code
;GSH(MSE)KEINQTRDRLAKLNKELASSEQNKNHINNELKRKEEQLSSYEDKLFDVCGSQDFESDLDRLKEEIEKSSKQR
A(MSE)LAGATAVYSQFITQLTDENQSCCPVCQRVFQTEAELQEVISDLQSKLRLAPDKLKSTESELKKKEKRRDE
(MSE)LGLVP(MSE)RQSIIDLKEKEIPELRNKLQNVNRDIQRLKN
;
_entity_poly.pdbx_strand_id   A,B
#
loop_
_chem_comp.id
_chem_comp.type
_chem_comp.name
_chem_comp.formula
GOL non-polymer GLYCEROL 'C3 H8 O3'
ZN non-polymer 'ZINC ION' 'Zn 2'
#
# COMPACT_ATOMS: atom_id res chain seq x y z
N LYS A 5 35.21 -52.72 36.66
CA LYS A 5 34.10 -51.95 36.12
C LYS A 5 34.56 -50.99 35.01
N GLU A 6 35.88 -50.83 34.84
CA GLU A 6 36.46 -49.86 33.88
C GLU A 6 36.03 -50.03 32.40
N ILE A 7 36.12 -51.24 31.85
CA ILE A 7 35.65 -51.54 30.49
C ILE A 7 34.14 -51.33 30.30
N ASN A 8 33.36 -51.77 31.29
CA ASN A 8 31.90 -51.69 31.23
C ASN A 8 31.45 -50.24 31.14
N GLN A 9 32.13 -49.37 31.89
CA GLN A 9 31.89 -47.92 31.89
C GLN A 9 32.38 -47.25 30.61
N THR A 10 33.52 -47.69 30.09
CA THR A 10 34.08 -47.10 28.89
C THR A 10 33.22 -47.41 27.68
N ARG A 11 32.60 -48.59 27.65
CA ARG A 11 31.61 -48.86 26.60
C ARG A 11 30.39 -47.95 26.78
N ASP A 12 30.11 -47.62 28.03
CA ASP A 12 28.96 -46.81 28.40
C ASP A 12 29.13 -45.37 27.89
N ARG A 13 30.27 -44.77 28.20
CA ARG A 13 30.60 -43.45 27.67
C ARG A 13 30.45 -43.48 26.15
N LEU A 14 30.95 -44.53 25.54
CA LEU A 14 30.90 -44.67 24.08
C LEU A 14 29.47 -44.72 23.54
N ALA A 15 28.59 -45.42 24.25
CA ALA A 15 27.19 -45.53 23.79
C ALA A 15 26.48 -44.19 23.84
N LYS A 16 26.60 -43.50 24.97
CA LYS A 16 26.00 -42.17 25.13
C LYS A 16 26.48 -41.16 24.09
N LEU A 17 27.78 -41.18 23.83
CA LEU A 17 28.41 -40.28 22.86
C LEU A 17 27.91 -40.57 21.46
N ASN A 18 27.77 -41.86 21.18
CA ASN A 18 27.24 -42.30 19.90
C ASN A 18 25.77 -41.89 19.73
N LYS A 19 25.03 -41.96 20.83
CA LYS A 19 23.63 -41.56 20.87
C LYS A 19 23.48 -40.04 20.78
N GLU A 20 24.47 -39.31 21.30
CA GLU A 20 24.51 -37.85 21.12
C GLU A 20 24.78 -37.48 19.67
N LEU A 21 25.80 -38.12 19.08
CA LEU A 21 26.12 -37.86 17.68
C LEU A 21 25.00 -38.22 16.74
N ALA A 22 24.33 -39.34 17.00
CA ALA A 22 23.22 -39.76 16.14
C ALA A 22 22.09 -38.74 16.12
N SER A 23 21.75 -38.21 17.30
CA SER A 23 20.67 -37.25 17.39
C SER A 23 21.10 -35.86 16.87
N SER A 24 22.37 -35.52 17.10
CA SER A 24 22.95 -34.30 16.55
C SER A 24 22.99 -34.35 15.03
N GLU A 25 23.48 -35.47 14.49
CA GLU A 25 23.58 -35.62 13.06
C GLU A 25 22.20 -35.45 12.43
N GLN A 26 21.20 -35.97 13.13
CA GLN A 26 19.79 -35.85 12.75
C GLN A 26 19.38 -34.40 12.64
N ASN A 27 19.73 -33.62 13.66
CA ASN A 27 19.42 -32.21 13.62
C ASN A 27 20.02 -31.58 12.41
N LYS A 28 21.31 -31.81 12.17
CA LYS A 28 22.00 -31.21 11.02
C LYS A 28 21.25 -31.44 9.73
N ASN A 29 20.73 -32.66 9.53
CA ASN A 29 19.93 -32.97 8.35
C ASN A 29 18.59 -32.23 8.32
N HIS A 30 17.86 -32.29 9.44
CA HIS A 30 16.59 -31.61 9.56
C HIS A 30 16.72 -30.10 9.35
N ILE A 31 17.70 -29.53 10.03
CA ILE A 31 18.00 -28.12 9.94
C ILE A 31 18.46 -27.76 8.54
N ASN A 32 19.39 -28.55 8.00
CA ASN A 32 19.89 -28.29 6.66
C ASN A 32 18.78 -28.28 5.61
N ASN A 33 17.85 -29.23 5.71
CA ASN A 33 16.75 -29.32 4.76
C ASN A 33 15.78 -28.15 4.95
N GLU A 34 15.71 -27.62 6.16
CA GLU A 34 14.89 -26.45 6.42
C GLU A 34 15.51 -25.22 5.78
N LEU A 35 16.81 -25.04 5.98
CA LEU A 35 17.59 -23.97 5.37
C LEU A 35 17.53 -24.05 3.84
N LYS A 36 17.67 -25.26 3.29
CA LYS A 36 17.59 -25.41 1.84
C LYS A 36 16.28 -24.87 1.26
N ARG A 37 15.16 -25.12 1.95
CA ARG A 37 13.85 -24.69 1.45
C ARG A 37 13.64 -23.19 1.61
N LYS A 38 14.03 -22.63 2.75
CA LYS A 38 13.87 -21.21 3.02
C LYS A 38 14.67 -20.39 2.01
N GLU A 39 15.86 -20.90 1.66
CA GLU A 39 16.75 -20.26 0.71
C GLU A 39 16.19 -20.31 -0.70
N GLU A 40 15.57 -21.43 -1.06
CA GLU A 40 14.94 -21.55 -2.37
C GLU A 40 13.77 -20.60 -2.45
N GLN A 41 12.97 -20.62 -1.40
CA GLN A 41 11.78 -19.81 -1.27
C GLN A 41 12.12 -18.32 -1.38
N LEU A 42 13.17 -17.90 -0.68
CA LEU A 42 13.64 -16.53 -0.72
C LEU A 42 14.11 -16.25 -2.13
N SER A 43 14.86 -17.20 -2.67
CA SER A 43 15.41 -17.03 -4.01
C SER A 43 14.31 -16.80 -5.04
N SER A 44 13.21 -17.54 -4.93
CA SER A 44 12.11 -17.36 -5.87
C SER A 44 11.39 -16.04 -5.73
N TYR A 45 11.22 -15.57 -4.50
CA TYR A 45 10.52 -14.32 -4.24
C TYR A 45 11.30 -13.15 -4.78
N GLU A 46 12.61 -13.24 -4.66
CA GLU A 46 13.48 -12.20 -5.15
C GLU A 46 13.51 -12.14 -6.68
N ASP A 47 13.44 -13.30 -7.31
CA ASP A 47 13.39 -13.38 -8.77
C ASP A 47 12.08 -12.80 -9.27
N LYS A 48 10.98 -13.15 -8.58
CA LYS A 48 9.65 -12.72 -8.98
C LYS A 48 9.47 -11.23 -8.86
N LEU A 49 9.84 -10.70 -7.69
CA LEU A 49 9.74 -9.28 -7.42
C LEU A 49 10.53 -8.50 -8.43
N PHE A 50 11.73 -8.97 -8.70
CA PHE A 50 12.54 -8.27 -9.65
C PHE A 50 11.99 -8.38 -11.07
N ASP A 51 11.38 -9.51 -11.43
CA ASP A 51 10.81 -9.68 -12.77
C ASP A 51 9.59 -8.78 -12.98
N VAL A 52 8.88 -8.44 -11.91
CA VAL A 52 7.65 -7.70 -12.07
C VAL A 52 7.97 -6.17 -12.12
N CYS A 53 8.65 -5.70 -11.09
CA CYS A 53 9.20 -4.36 -11.01
C CYS A 53 10.68 -4.61 -10.94
N GLY A 54 11.49 -3.86 -11.66
CA GLY A 54 12.91 -4.15 -11.58
C GLY A 54 13.49 -3.32 -10.44
N SER A 55 13.03 -3.56 -9.23
CA SER A 55 13.51 -2.76 -8.11
C SER A 55 14.43 -3.56 -7.14
N GLN A 56 15.59 -2.94 -6.87
CA GLN A 56 16.59 -3.44 -5.95
C GLN A 56 16.53 -2.75 -4.57
N ASP A 57 15.87 -1.59 -4.51
CA ASP A 57 15.53 -0.95 -3.23
C ASP A 57 14.01 -0.75 -3.19
N PHE A 58 13.28 -1.61 -2.48
CA PHE A 58 11.82 -1.59 -2.63
C PHE A 58 11.03 -0.43 -1.99
N GLU A 59 11.28 -0.18 -0.71
CA GLU A 59 10.50 0.80 0.00
C GLU A 59 10.77 2.22 -0.53
N SER A 60 12.03 2.49 -0.90
CA SER A 60 12.41 3.79 -1.42
C SER A 60 11.91 4.05 -2.82
N ASP A 61 12.02 3.07 -3.70
CA ASP A 61 11.51 3.18 -5.05
C ASP A 61 10.00 3.41 -5.05
N LEU A 62 9.29 2.63 -4.25
CA LEU A 62 7.86 2.77 -4.13
C LEU A 62 7.49 4.12 -3.54
N ASP A 63 8.20 4.58 -2.53
CA ASP A 63 7.88 5.88 -1.94
C ASP A 63 8.10 7.00 -2.98
N ARG A 64 9.20 6.90 -3.75
CA ARG A 64 9.54 7.94 -4.75
C ARG A 64 8.56 7.96 -5.90
N LEU A 65 8.13 6.79 -6.32
CA LEU A 65 7.11 6.66 -7.35
C LEU A 65 5.83 7.31 -6.89
N LYS A 66 5.49 7.08 -5.64
CA LYS A 66 4.31 7.71 -5.07
C LYS A 66 4.46 9.23 -5.08
N GLU A 67 5.64 9.74 -4.76
CA GLU A 67 5.84 11.18 -4.77
C GLU A 67 5.68 11.76 -6.16
N GLU A 68 6.24 11.08 -7.15
CA GLU A 68 6.13 11.52 -8.54
C GLU A 68 4.67 11.52 -8.96
N ILE A 69 3.92 10.52 -8.53
CA ILE A 69 2.51 10.42 -8.90
C ILE A 69 1.78 11.62 -8.31
N GLU A 70 2.19 12.01 -7.10
CA GLU A 70 1.60 13.16 -6.45
C GLU A 70 1.89 14.48 -7.19
N LYS A 71 3.13 14.68 -7.64
CA LYS A 71 3.53 15.92 -8.34
C LYS A 71 2.84 16.01 -9.70
N SER A 72 2.89 14.91 -10.45
CA SER A 72 2.29 14.83 -11.76
C SER A 72 0.77 15.04 -11.68
N SER A 73 0.13 14.51 -10.65
CA SER A 73 -1.31 14.58 -10.61
C SER A 73 -1.76 15.98 -10.21
N LYS A 74 -0.95 16.62 -9.38
CA LYS A 74 -1.13 17.98 -8.92
C LYS A 74 -0.96 18.93 -10.09
N GLN A 75 0.01 18.63 -10.95
CA GLN A 75 0.25 19.44 -12.14
C GLN A 75 -0.94 19.39 -13.08
N ARG A 76 -1.34 18.17 -13.43
CA ARG A 76 -2.44 17.93 -14.31
C ARG A 76 -3.74 18.48 -13.75
N ALA A 77 -3.89 18.43 -12.43
CA ALA A 77 -5.10 18.96 -11.79
C ALA A 77 -5.28 20.44 -12.14
N MSE A 78 -4.18 21.17 -12.14
CA MSE A 78 -4.23 22.59 -12.25
C MSE A 78 -4.43 22.98 -13.70
O MSE A 78 -5.18 23.91 -14.02
CB MSE A 78 -2.95 23.20 -11.70
CG MSE A 78 -2.88 24.73 -11.95
SE MSE A 78 -1.74 25.56 -10.64
CE MSE A 78 -0.82 23.94 -9.94
N LEU A 79 -3.73 22.27 -14.57
CA LEU A 79 -3.94 22.31 -16.01
C LEU A 79 -5.40 22.02 -16.44
N ALA A 80 -5.97 20.95 -15.92
CA ALA A 80 -7.32 20.56 -16.31
C ALA A 80 -8.36 21.54 -15.80
N GLY A 81 -8.19 21.99 -14.55
CA GLY A 81 -9.09 22.93 -13.92
C GLY A 81 -9.09 24.23 -14.71
N ALA A 82 -7.88 24.72 -14.98
CA ALA A 82 -7.72 26.00 -15.62
C ALA A 82 -8.36 25.95 -17.00
N THR A 83 -8.14 24.83 -17.69
CA THR A 83 -8.76 24.57 -18.98
C THR A 83 -10.28 24.60 -18.85
N ALA A 84 -10.79 23.93 -17.82
CA ALA A 84 -12.23 23.91 -17.61
C ALA A 84 -12.82 25.31 -17.40
N VAL A 85 -12.07 26.16 -16.70
CA VAL A 85 -12.56 27.47 -16.36
C VAL A 85 -12.77 28.28 -17.65
N TYR A 86 -11.71 28.36 -18.45
CA TYR A 86 -11.76 29.02 -19.74
C TYR A 86 -12.74 28.37 -20.71
N SER A 87 -12.77 27.05 -20.71
CA SER A 87 -13.73 26.33 -21.54
C SER A 87 -15.14 26.79 -21.22
N GLN A 88 -15.41 26.94 -19.92
CA GLN A 88 -16.70 27.41 -19.45
C GLN A 88 -17.00 28.83 -19.95
N PHE A 89 -15.98 29.68 -19.94
CA PHE A 89 -16.10 31.04 -20.41
C PHE A 89 -16.63 31.08 -21.83
N ILE A 90 -15.96 30.32 -22.70
CA ILE A 90 -16.31 30.20 -24.10
C ILE A 90 -17.73 29.71 -24.32
N THR A 91 -18.14 28.70 -23.56
CA THR A 91 -19.48 28.14 -23.68
C THR A 91 -20.51 29.14 -23.17
N GLN A 92 -20.12 30.05 -22.28
CA GLN A 92 -21.03 31.09 -21.82
C GLN A 92 -21.31 32.11 -22.93
N LEU A 93 -20.28 32.46 -23.69
CA LEU A 93 -20.43 33.48 -24.71
C LEU A 93 -21.12 32.92 -25.93
N THR A 94 -21.09 31.61 -26.08
CA THR A 94 -21.66 30.97 -27.26
C THR A 94 -22.97 30.22 -27.02
N ASP A 95 -22.86 29.01 -26.48
CA ASP A 95 -23.97 28.09 -26.41
C ASP A 95 -25.12 28.65 -25.58
N GLU A 96 -24.78 29.46 -24.58
CA GLU A 96 -25.77 30.11 -23.73
C GLU A 96 -26.32 31.42 -24.30
N ASN A 97 -25.91 31.79 -25.51
CA ASN A 97 -26.31 33.06 -26.16
C ASN A 97 -26.14 34.33 -25.34
N GLN A 98 -25.24 34.27 -24.37
CA GLN A 98 -24.99 35.44 -23.52
C GLN A 98 -24.21 36.47 -24.31
N SER A 99 -24.71 37.71 -24.31
CA SER A 99 -23.96 38.79 -24.94
C SER A 99 -23.21 39.64 -23.90
N CYS A 100 -22.94 39.06 -22.72
CA CYS A 100 -22.12 39.76 -21.71
C CYS A 100 -20.80 39.05 -21.42
N CYS A 101 -19.88 39.76 -20.76
CA CYS A 101 -18.58 39.21 -20.40
C CYS A 101 -18.72 38.34 -19.14
N PRO A 102 -17.90 37.27 -19.00
CA PRO A 102 -18.11 36.45 -17.78
C PRO A 102 -17.41 37.01 -16.55
N VAL A 103 -16.36 37.80 -16.76
CA VAL A 103 -15.61 38.37 -15.65
C VAL A 103 -16.17 39.70 -15.18
N CYS A 104 -16.26 40.66 -16.10
CA CYS A 104 -16.69 41.99 -15.72
C CYS A 104 -18.18 42.16 -16.01
N GLN A 105 -18.79 41.10 -16.55
CA GLN A 105 -20.24 41.07 -16.80
C GLN A 105 -20.76 42.20 -17.70
N ARG A 106 -19.85 42.89 -18.37
CA ARG A 106 -20.24 43.95 -19.28
C ARG A 106 -20.75 43.40 -20.62
N VAL A 107 -21.95 43.82 -21.01
CA VAL A 107 -22.55 43.49 -22.32
C VAL A 107 -21.66 43.75 -23.55
N PHE A 108 -21.77 42.86 -24.55
CA PHE A 108 -21.09 43.07 -25.83
C PHE A 108 -21.94 43.89 -26.80
N GLN A 109 -21.43 45.06 -27.12
CA GLN A 109 -22.16 46.03 -27.92
C GLN A 109 -22.23 45.58 -29.36
N THR A 110 -21.11 45.05 -29.83
CA THR A 110 -21.02 44.49 -31.16
C THR A 110 -20.69 43.02 -31.15
N GLU A 111 -21.15 42.30 -32.16
CA GLU A 111 -20.75 40.91 -32.35
C GLU A 111 -19.26 40.82 -32.68
N ALA A 112 -18.71 41.89 -33.26
CA ALA A 112 -17.27 41.91 -33.59
C ALA A 112 -16.43 41.67 -32.35
N GLU A 113 -16.67 42.48 -31.31
CA GLU A 113 -16.00 42.33 -30.01
C GLU A 113 -16.13 40.92 -29.48
N LEU A 114 -17.40 40.49 -29.34
CA LEU A 114 -17.71 39.18 -28.79
C LEU A 114 -16.90 38.10 -29.46
N GLN A 115 -16.77 38.21 -30.78
CA GLN A 115 -16.06 37.23 -31.57
C GLN A 115 -14.57 37.27 -31.22
N GLU A 116 -14.03 38.48 -31.10
CA GLU A 116 -12.61 38.66 -30.77
C GLU A 116 -12.28 37.97 -29.45
N VAL A 117 -13.19 38.08 -28.50
CA VAL A 117 -13.04 37.52 -27.18
C VAL A 117 -13.14 36.00 -27.21
N ILE A 118 -14.15 35.51 -27.92
CA ILE A 118 -14.31 34.07 -28.11
C ILE A 118 -13.03 33.54 -28.70
N SER A 119 -12.59 34.19 -29.77
CA SER A 119 -11.39 33.79 -30.48
C SER A 119 -10.19 33.89 -29.55
N ASP A 120 -10.21 34.88 -28.65
CA ASP A 120 -9.08 35.09 -27.77
C ASP A 120 -8.98 33.97 -26.75
N LEU A 121 -10.12 33.52 -26.21
CA LEU A 121 -10.11 32.45 -25.22
C LEU A 121 -9.64 31.13 -25.85
N GLN A 122 -10.12 30.82 -27.05
CA GLN A 122 -9.76 29.57 -27.70
C GLN A 122 -8.28 29.39 -27.92
N SER A 123 -7.60 30.48 -28.26
CA SER A 123 -6.18 30.35 -28.56
C SER A 123 -5.39 30.12 -27.27
N LYS A 124 -5.90 30.63 -26.15
CA LYS A 124 -5.26 30.43 -24.86
C LYS A 124 -5.29 28.96 -24.56
N LEU A 125 -6.34 28.29 -25.01
CA LEU A 125 -6.52 26.86 -24.82
C LEU A 125 -5.99 25.95 -25.95
N ARG A 126 -5.24 26.50 -26.90
CA ARG A 126 -5.01 25.71 -28.12
C ARG A 126 -4.04 24.54 -27.83
N LEU A 127 -3.17 24.72 -26.83
CA LEU A 127 -2.16 23.74 -26.51
C LEU A 127 -2.64 22.76 -25.45
N ALA A 128 -3.83 23.00 -24.91
CA ALA A 128 -4.33 22.24 -23.77
C ALA A 128 -4.49 20.73 -24.05
N PRO A 129 -5.20 20.37 -25.15
CA PRO A 129 -5.44 18.93 -25.34
C PRO A 129 -4.16 18.11 -25.40
N ASP A 130 -3.15 18.68 -26.04
CA ASP A 130 -1.90 18.00 -26.20
C ASP A 130 -1.21 17.80 -24.84
N LYS A 131 -1.26 18.82 -23.99
CA LYS A 131 -0.58 18.73 -22.71
C LYS A 131 -1.30 17.75 -21.81
N LEU A 132 -2.62 17.79 -21.87
CA LEU A 132 -3.48 16.94 -21.07
C LEU A 132 -3.33 15.47 -21.42
N LYS A 133 -3.21 15.19 -22.71
CA LYS A 133 -3.01 13.83 -23.13
C LYS A 133 -1.63 13.36 -22.68
N SER A 134 -0.61 14.19 -22.87
CA SER A 134 0.76 13.83 -22.47
C SER A 134 0.86 13.56 -20.97
N THR A 135 0.31 14.46 -20.18
CA THR A 135 0.40 14.34 -18.75
C THR A 135 -0.35 13.11 -18.23
N GLU A 136 -1.53 12.84 -18.77
CA GLU A 136 -2.28 11.66 -18.34
C GLU A 136 -1.58 10.36 -18.73
N SER A 137 -0.89 10.35 -19.88
CA SER A 137 -0.10 9.21 -20.32
C SER A 137 1.08 8.87 -19.42
N GLU A 138 1.86 9.89 -19.05
CA GLU A 138 3.00 9.68 -18.17
C GLU A 138 2.51 9.20 -16.83
N LEU A 139 1.36 9.74 -16.44
CA LEU A 139 0.78 9.44 -15.16
C LEU A 139 0.21 8.02 -15.10
N LYS A 140 -0.43 7.60 -16.20
CA LYS A 140 -0.99 6.25 -16.27
C LYS A 140 0.10 5.19 -16.07
N LYS A 141 1.26 5.42 -16.66
CA LYS A 141 2.38 4.47 -16.60
C LYS A 141 2.95 4.35 -15.19
N LYS A 142 3.09 5.49 -14.53
CA LYS A 142 3.55 5.51 -13.15
C LYS A 142 2.59 4.74 -12.22
N GLU A 143 1.30 4.87 -12.50
CA GLU A 143 0.31 4.32 -11.60
C GLU A 143 0.29 2.81 -11.70
N LYS A 144 0.42 2.31 -12.92
CA LYS A 144 0.45 0.88 -13.15
C LYS A 144 1.66 0.26 -12.42
N ARG A 145 2.81 0.91 -12.52
CA ARG A 145 4.02 0.41 -11.89
C ARG A 145 3.83 0.45 -10.37
N ARG A 146 3.10 1.46 -9.89
CA ARG A 146 2.86 1.59 -8.46
C ARG A 146 1.93 0.49 -8.01
N ASP A 147 0.92 0.22 -8.83
CA ASP A 147 -0.02 -0.83 -8.49
C ASP A 147 0.64 -2.19 -8.46
N GLU A 148 1.56 -2.42 -9.40
CA GLU A 148 2.30 -3.67 -9.42
C GLU A 148 3.16 -3.85 -8.18
N MSE A 149 3.96 -2.83 -7.82
CA MSE A 149 4.72 -2.94 -6.60
C MSE A 149 3.83 -3.12 -5.36
O MSE A 149 4.20 -3.83 -4.42
CB MSE A 149 5.61 -1.71 -6.42
CG MSE A 149 6.64 -1.50 -7.54
SE MSE A 149 7.86 -0.02 -7.13
CE MSE A 149 8.95 -0.85 -5.72
N LEU A 150 2.66 -2.50 -5.37
CA LEU A 150 1.72 -2.65 -4.26
C LEU A 150 1.24 -4.09 -4.11
N GLY A 151 1.19 -4.82 -5.22
CA GLY A 151 0.75 -6.20 -5.14
C GLY A 151 1.86 -7.09 -4.59
N LEU A 152 3.08 -6.56 -4.54
CA LEU A 152 4.28 -7.28 -4.11
C LEU A 152 4.65 -6.95 -2.68
N VAL A 153 3.93 -6.04 -2.03
CA VAL A 153 4.23 -5.72 -0.63
C VAL A 153 4.31 -6.97 0.31
N PRO A 154 3.35 -7.91 0.21
CA PRO A 154 3.57 -8.98 1.19
C PRO A 154 4.71 -9.88 0.78
N MSE A 155 4.98 -10.00 -0.51
CA MSE A 155 6.10 -10.78 -0.98
C MSE A 155 7.40 -10.15 -0.50
O MSE A 155 8.34 -10.84 -0.13
CB MSE A 155 6.12 -10.92 -2.50
CG MSE A 155 7.36 -11.64 -3.02
SE MSE A 155 7.16 -12.25 -4.89
CE MSE A 155 5.57 -13.36 -4.70
N ARG A 156 7.43 -8.83 -0.46
CA ARG A 156 8.58 -8.12 0.11
C ARG A 156 8.68 -8.34 1.63
N GLN A 157 7.53 -8.57 2.27
CA GLN A 157 7.49 -8.81 3.69
C GLN A 157 8.14 -10.17 3.96
N SER A 158 7.73 -11.18 3.20
CA SER A 158 8.30 -12.52 3.29
C SER A 158 9.82 -12.49 3.06
N ILE A 159 10.23 -11.72 2.05
CA ILE A 159 11.64 -11.63 1.70
C ILE A 159 12.40 -11.06 2.87
N ILE A 160 11.77 -10.13 3.57
CA ILE A 160 12.42 -9.50 4.70
C ILE A 160 12.43 -10.44 5.91
N ASP A 161 11.38 -11.24 6.06
CA ASP A 161 11.36 -12.22 7.13
C ASP A 161 12.42 -13.31 6.92
N LEU A 162 12.54 -13.77 5.67
CA LEU A 162 13.48 -14.83 5.33
C LEU A 162 14.89 -14.38 5.52
N LYS A 163 15.20 -13.23 4.92
CA LYS A 163 16.55 -12.75 4.79
C LYS A 163 17.11 -12.22 6.12
N GLU A 164 16.24 -11.69 6.97
CA GLU A 164 16.71 -10.99 8.16
C GLU A 164 16.42 -11.74 9.45
N LYS A 165 15.49 -12.68 9.39
CA LYS A 165 15.02 -13.37 10.57
C LYS A 165 15.22 -14.91 10.46
N GLU A 166 14.44 -15.54 9.59
CA GLU A 166 14.38 -16.99 9.54
C GLU A 166 15.70 -17.65 9.12
N ILE A 167 16.29 -17.17 8.04
CA ILE A 167 17.49 -17.80 7.53
C ILE A 167 18.71 -17.59 8.43
N PRO A 168 18.94 -16.36 8.93
CA PRO A 168 20.08 -16.27 9.87
C PRO A 168 19.93 -17.12 11.17
N GLU A 169 18.69 -17.28 11.65
CA GLU A 169 18.41 -18.11 12.80
C GLU A 169 18.81 -19.56 12.51
N LEU A 170 18.42 -20.03 11.34
CA LEU A 170 18.73 -21.39 10.92
C LEU A 170 20.23 -21.56 10.74
N ARG A 171 20.90 -20.60 10.11
CA ARG A 171 22.35 -20.69 9.94
C ARG A 171 23.05 -20.77 11.27
N ASN A 172 22.50 -20.08 12.26
CA ASN A 172 23.06 -20.14 13.60
C ASN A 172 22.82 -21.50 14.28
N LYS A 173 21.64 -22.09 14.10
CA LYS A 173 21.39 -23.44 14.65
C LYS A 173 22.31 -24.45 13.99
N LEU A 174 22.53 -24.28 12.69
CA LEU A 174 23.48 -25.17 11.99
C LEU A 174 24.92 -24.97 12.47
N GLN A 175 25.28 -23.76 12.90
CA GLN A 175 26.62 -23.50 13.41
C GLN A 175 26.90 -24.26 14.70
N ASN A 176 26.01 -24.11 15.68
CA ASN A 176 26.16 -24.72 17.00
C ASN A 176 26.06 -26.22 16.96
N VAL A 177 25.18 -26.72 16.11
CA VAL A 177 25.03 -28.16 15.91
C VAL A 177 26.26 -28.72 15.23
N ASN A 178 26.85 -27.97 14.30
CA ASN A 178 28.06 -28.46 13.65
C ASN A 178 29.21 -28.52 14.64
N ARG A 179 29.27 -27.54 15.55
CA ARG A 179 30.29 -27.56 16.60
C ARG A 179 30.08 -28.75 17.53
N ASP A 180 28.82 -29.02 17.85
CA ASP A 180 28.49 -30.15 18.71
C ASP A 180 28.93 -31.45 18.04
N ILE A 181 28.81 -31.51 16.72
CA ILE A 181 29.24 -32.68 15.98
C ILE A 181 30.76 -32.82 15.95
N GLN A 182 31.47 -31.73 15.63
CA GLN A 182 32.93 -31.74 15.55
C GLN A 182 33.57 -32.08 16.90
N ARG A 183 32.88 -31.72 17.98
CA ARG A 183 33.30 -32.02 19.35
C ARG A 183 33.24 -33.52 19.67
N LEU A 184 32.34 -34.25 19.02
CA LEU A 184 32.20 -35.69 19.26
C LEU A 184 33.11 -36.49 18.35
N LYS A 185 33.39 -35.97 17.16
CA LYS A 185 34.29 -36.64 16.21
C LYS A 185 35.54 -35.83 15.91
N LYS B 5 14.77 -58.97 38.75
CA LYS B 5 14.63 -57.88 37.79
C LYS B 5 13.18 -57.36 37.73
N GLU B 6 12.24 -58.10 38.33
CA GLU B 6 10.81 -57.73 38.22
C GLU B 6 10.50 -56.30 38.71
N ILE B 7 10.97 -55.97 39.91
CA ILE B 7 10.86 -54.63 40.45
C ILE B 7 11.61 -53.66 39.53
N ASN B 8 12.80 -54.08 39.07
CA ASN B 8 13.60 -53.27 38.15
C ASN B 8 12.95 -53.01 36.79
N GLN B 9 12.14 -53.95 36.31
CA GLN B 9 11.42 -53.82 35.03
C GLN B 9 10.42 -52.67 35.17
N THR B 10 9.76 -52.66 36.32
CA THR B 10 8.74 -51.70 36.69
C THR B 10 9.39 -50.35 36.99
N ARG B 11 10.62 -50.37 37.48
CA ARG B 11 11.41 -49.13 37.61
C ARG B 11 11.66 -48.57 36.23
N ASP B 12 11.88 -49.48 35.28
CA ASP B 12 12.20 -49.08 33.92
C ASP B 12 11.00 -48.43 33.24
N ARG B 13 9.85 -49.11 33.25
CA ARG B 13 8.62 -48.55 32.72
C ARG B 13 8.24 -47.25 33.38
N LEU B 14 8.39 -47.19 34.70
CA LEU B 14 7.98 -45.96 35.37
C LEU B 14 8.81 -44.77 34.91
N ALA B 15 10.12 -44.96 34.71
CA ALA B 15 10.99 -43.90 34.20
C ALA B 15 10.63 -43.54 32.76
N LYS B 16 10.47 -44.56 31.93
CA LYS B 16 10.12 -44.36 30.53
C LYS B 16 8.81 -43.59 30.38
N LEU B 17 7.82 -43.93 31.20
CA LEU B 17 6.51 -43.25 31.17
C LEU B 17 6.63 -41.78 31.58
N ASN B 18 7.49 -41.51 32.56
CA ASN B 18 7.74 -40.12 32.95
C ASN B 18 8.43 -39.30 31.84
N LYS B 19 9.34 -39.93 31.08
CA LYS B 19 10.00 -39.22 29.99
C LYS B 19 9.00 -38.93 28.88
N GLU B 20 8.05 -39.84 28.71
CA GLU B 20 6.96 -39.62 27.76
C GLU B 20 6.08 -38.49 28.23
N LEU B 21 5.65 -38.54 29.49
CA LEU B 21 4.74 -37.51 29.98
C LEU B 21 5.40 -36.13 29.96
N ALA B 22 6.67 -36.03 30.33
CA ALA B 22 7.36 -34.75 30.32
C ALA B 22 7.46 -34.13 28.92
N SER B 23 7.77 -34.95 27.92
CA SER B 23 7.95 -34.43 26.57
C SER B 23 6.60 -34.09 25.94
N SER B 24 5.56 -34.86 26.26
CA SER B 24 4.21 -34.49 25.83
C SER B 24 3.81 -33.18 26.47
N GLU B 25 4.06 -33.07 27.77
CA GLU B 25 3.69 -31.86 28.47
C GLU B 25 4.34 -30.61 27.85
N GLN B 26 5.59 -30.77 27.41
CA GLN B 26 6.34 -29.75 26.69
C GLN B 26 5.65 -29.32 25.38
N ASN B 27 5.30 -30.32 24.58
CA ASN B 27 4.65 -30.11 23.30
C ASN B 27 3.34 -29.38 23.49
N LYS B 28 2.55 -29.84 24.47
CA LYS B 28 1.24 -29.25 24.73
C LYS B 28 1.32 -27.74 24.92
N ASN B 29 2.30 -27.29 25.71
CA ASN B 29 2.53 -25.85 25.84
C ASN B 29 3.02 -25.27 24.53
N HIS B 30 3.97 -25.94 23.90
CA HIS B 30 4.54 -25.52 22.64
C HIS B 30 3.46 -25.32 21.57
N ILE B 31 2.62 -26.34 21.41
CA ILE B 31 1.55 -26.31 20.43
C ILE B 31 0.53 -25.23 20.79
N ASN B 32 0.14 -25.23 22.07
CA ASN B 32 -0.85 -24.30 22.60
C ASN B 32 -0.44 -22.86 22.27
N ASN B 33 0.85 -22.59 22.41
CA ASN B 33 1.38 -21.26 22.16
C ASN B 33 1.44 -20.92 20.65
N GLU B 34 1.65 -21.94 19.82
CA GLU B 34 1.65 -21.77 18.37
C GLU B 34 0.23 -21.50 17.87
N LEU B 35 -0.71 -22.23 18.43
CA LEU B 35 -2.12 -22.02 18.17
C LEU B 35 -2.48 -20.59 18.54
N LYS B 36 -2.02 -20.16 19.71
CA LYS B 36 -2.27 -18.78 20.14
C LYS B 36 -1.73 -17.75 19.14
N ARG B 37 -0.56 -18.00 18.58
CA ARG B 37 0.04 -17.04 17.67
C ARG B 37 -0.67 -17.04 16.32
N LYS B 38 -0.99 -18.22 15.82
CA LYS B 38 -1.67 -18.31 14.54
C LYS B 38 -3.05 -17.67 14.59
N GLU B 39 -3.74 -17.81 15.71
CA GLU B 39 -5.06 -17.21 15.88
C GLU B 39 -5.01 -15.68 15.96
N GLU B 40 -4.00 -15.16 16.65
CA GLU B 40 -3.79 -13.73 16.74
C GLU B 40 -3.42 -13.18 15.37
N GLN B 41 -2.56 -13.93 14.69
CA GLN B 41 -2.14 -13.56 13.35
C GLN B 41 -3.35 -13.46 12.44
N LEU B 42 -4.23 -14.44 12.50
CA LEU B 42 -5.42 -14.44 11.67
C LEU B 42 -6.34 -13.29 12.04
N SER B 43 -6.51 -13.12 13.35
CA SER B 43 -7.37 -12.08 13.91
C SER B 43 -6.96 -10.72 13.38
N SER B 44 -5.65 -10.49 13.29
CA SER B 44 -5.14 -9.24 12.78
C SER B 44 -5.42 -9.03 11.31
N TYR B 45 -5.35 -10.11 10.54
CA TYR B 45 -5.58 -10.02 9.11
C TYR B 45 -7.03 -9.70 8.85
N GLU B 46 -7.91 -10.29 9.65
CA GLU B 46 -9.32 -10.07 9.50
C GLU B 46 -9.70 -8.64 9.89
N ASP B 47 -9.00 -8.08 10.88
CA ASP B 47 -9.22 -6.71 11.28
C ASP B 47 -8.79 -5.74 10.21
N LYS B 48 -7.63 -5.98 9.60
CA LYS B 48 -7.12 -5.07 8.60
C LYS B 48 -8.03 -5.13 7.38
N LEU B 49 -8.36 -6.35 6.98
CA LEU B 49 -9.24 -6.63 5.86
C LEU B 49 -10.58 -5.96 6.08
N PHE B 50 -11.03 -5.97 7.34
CA PHE B 50 -12.30 -5.36 7.68
C PHE B 50 -12.26 -3.84 7.63
N ASP B 51 -11.15 -3.24 8.08
CA ASP B 51 -10.98 -1.78 8.12
C ASP B 51 -10.90 -1.20 6.71
N VAL B 52 -10.34 -2.02 5.84
CA VAL B 52 -9.99 -1.70 4.48
C VAL B 52 -11.13 -1.96 3.48
N CYS B 53 -11.99 -2.93 3.75
CA CYS B 53 -13.11 -3.20 2.87
C CYS B 53 -14.48 -2.91 3.48
N GLY B 54 -15.32 -2.20 2.72
CA GLY B 54 -16.66 -1.87 3.16
C GLY B 54 -17.69 -2.83 2.59
N SER B 55 -17.24 -4.01 2.15
CA SER B 55 -18.14 -5.01 1.55
C SER B 55 -17.52 -6.41 1.41
N GLN B 56 -18.30 -7.30 0.81
CA GLN B 56 -17.93 -8.71 0.58
C GLN B 56 -17.35 -8.94 -0.82
N ASP B 57 -17.60 -7.98 -1.72
CA ASP B 57 -17.10 -8.03 -3.10
C ASP B 57 -15.93 -7.07 -3.29
N PHE B 58 -14.76 -7.67 -3.40
CA PHE B 58 -13.50 -6.96 -3.42
C PHE B 58 -13.34 -6.19 -4.71
N GLU B 59 -13.64 -6.85 -5.82
CA GLU B 59 -13.49 -6.25 -7.14
C GLU B 59 -14.43 -5.04 -7.25
N SER B 60 -15.59 -5.14 -6.60
CA SER B 60 -16.57 -4.06 -6.58
C SER B 60 -16.16 -2.89 -5.69
N ASP B 61 -15.73 -3.19 -4.46
CA ASP B 61 -15.28 -2.14 -3.56
C ASP B 61 -14.15 -1.34 -4.15
N LEU B 62 -13.22 -2.06 -4.74
CA LEU B 62 -12.10 -1.47 -5.41
C LEU B 62 -12.58 -0.63 -6.59
N ASP B 63 -13.53 -1.16 -7.35
CA ASP B 63 -14.06 -0.40 -8.48
C ASP B 63 -14.77 0.86 -7.98
N ARG B 64 -15.56 0.74 -6.93
CA ARG B 64 -16.29 1.88 -6.38
C ARG B 64 -15.33 2.86 -5.69
N LEU B 65 -14.28 2.35 -5.07
CA LEU B 65 -13.24 3.22 -4.50
C LEU B 65 -12.50 4.02 -5.60
N LYS B 66 -12.26 3.38 -6.72
CA LYS B 66 -11.62 4.06 -7.83
C LYS B 66 -12.51 5.19 -8.38
N GLU B 67 -13.82 4.96 -8.46
CA GLU B 67 -14.74 6.00 -8.92
C GLU B 67 -14.73 7.17 -7.97
N GLU B 68 -14.72 6.91 -6.67
CA GLU B 68 -14.65 8.01 -5.71
C GLU B 68 -13.37 8.79 -5.82
N ILE B 69 -12.26 8.08 -6.05
CA ILE B 69 -10.98 8.74 -6.16
C ILE B 69 -11.03 9.63 -7.41
N GLU B 70 -11.70 9.16 -8.46
CA GLU B 70 -11.83 9.94 -9.69
C GLU B 70 -12.67 11.20 -9.47
N LYS B 71 -13.75 11.11 -8.69
CA LYS B 71 -14.60 12.27 -8.41
C LYS B 71 -13.85 13.31 -7.61
N SER B 72 -13.12 12.85 -6.60
CA SER B 72 -12.36 13.77 -5.78
C SER B 72 -11.28 14.52 -6.52
N SER B 73 -10.67 13.89 -7.51
CA SER B 73 -9.53 14.50 -8.17
C SER B 73 -10.05 15.49 -9.24
N LYS B 74 -11.21 15.19 -9.79
CA LYS B 74 -11.91 16.05 -10.72
C LYS B 74 -12.33 17.33 -9.95
N GLN B 75 -12.72 17.12 -8.71
CA GLN B 75 -13.09 18.19 -7.79
C GLN B 75 -11.86 19.02 -7.51
N ARG B 76 -10.76 18.32 -7.23
CA ARG B 76 -9.47 18.95 -7.01
C ARG B 76 -9.06 19.81 -8.19
N ALA B 77 -9.32 19.32 -9.39
CA ALA B 77 -8.98 20.05 -10.57
C ALA B 77 -9.75 21.36 -10.55
N MSE B 78 -11.08 21.27 -10.43
CA MSE B 78 -11.95 22.47 -10.40
C MSE B 78 -11.44 23.50 -9.42
O MSE B 78 -11.20 24.65 -9.79
CB MSE B 78 -13.40 22.11 -10.03
CG MSE B 78 -14.10 21.25 -11.07
SE MSE B 78 -13.44 21.53 -12.91
CE MSE B 78 -14.26 20.02 -13.84
N LEU B 79 -11.27 23.10 -8.17
CA LEU B 79 -10.81 24.00 -7.13
C LEU B 79 -9.45 24.58 -7.49
N ALA B 80 -8.54 23.71 -7.87
CA ALA B 80 -7.19 24.16 -8.19
C ALA B 80 -7.20 25.08 -9.41
N GLY B 81 -7.92 24.71 -10.46
CA GLY B 81 -7.99 25.53 -11.65
C GLY B 81 -8.59 26.91 -11.43
N ALA B 82 -9.75 26.96 -10.78
CA ALA B 82 -10.44 28.23 -10.58
C ALA B 82 -9.61 29.15 -9.70
N THR B 83 -9.00 28.54 -8.69
CA THR B 83 -8.14 29.25 -7.76
C THR B 83 -7.03 29.99 -8.49
N ALA B 84 -6.33 29.28 -9.33
CA ALA B 84 -5.21 29.83 -10.07
C ALA B 84 -5.66 30.90 -11.05
N VAL B 85 -6.75 30.62 -11.76
CA VAL B 85 -7.22 31.53 -12.82
C VAL B 85 -7.68 32.85 -12.25
N TYR B 86 -8.57 32.78 -11.28
CA TYR B 86 -9.09 33.99 -10.66
C TYR B 86 -8.01 34.74 -9.91
N SER B 87 -7.16 34.01 -9.21
CA SER B 87 -6.02 34.62 -8.52
C SER B 87 -5.18 35.45 -9.48
N GLN B 88 -4.95 34.92 -10.67
CA GLN B 88 -4.21 35.64 -11.71
C GLN B 88 -4.97 36.91 -12.17
N PHE B 89 -6.26 36.76 -12.37
CA PHE B 89 -7.11 37.86 -12.78
C PHE B 89 -6.99 38.97 -11.74
N ILE B 90 -7.20 38.59 -10.49
CA ILE B 90 -7.10 39.55 -9.38
C ILE B 90 -5.74 40.24 -9.34
N THR B 91 -4.66 39.49 -9.52
CA THR B 91 -3.37 40.14 -9.48
C THR B 91 -3.15 41.03 -10.71
N GLN B 92 -3.80 40.73 -11.82
CA GLN B 92 -3.68 41.60 -13.00
C GLN B 92 -4.42 42.91 -12.76
N LEU B 93 -5.56 42.79 -12.09
CA LEU B 93 -6.45 43.91 -11.87
C LEU B 93 -5.92 44.83 -10.77
N THR B 94 -5.02 44.30 -9.95
CA THR B 94 -4.46 45.08 -8.86
C THR B 94 -2.99 45.46 -9.07
N ASP B 95 -2.07 44.52 -8.84
CA ASP B 95 -0.63 44.81 -8.80
C ASP B 95 -0.12 45.33 -10.14
N GLU B 96 -0.74 44.89 -11.23
CA GLU B 96 -0.40 45.41 -12.53
C GLU B 96 -1.18 46.70 -12.74
N ASN B 97 -0.67 47.54 -13.63
CA ASN B 97 -1.26 48.84 -13.81
C ASN B 97 -2.51 48.77 -14.69
N GLN B 98 -3.13 47.58 -14.78
CA GLN B 98 -4.33 47.44 -15.61
C GLN B 98 -5.56 48.05 -14.98
N SER B 99 -6.16 48.99 -15.68
CA SER B 99 -7.46 49.50 -15.31
C SER B 99 -8.45 48.88 -16.28
N CYS B 100 -8.02 47.77 -16.92
CA CYS B 100 -8.88 47.05 -17.85
C CYS B 100 -9.21 45.61 -17.41
N CYS B 101 -10.17 45.02 -18.13
CA CYS B 101 -10.63 43.65 -17.89
C CYS B 101 -9.59 42.68 -18.40
N PRO B 102 -9.45 41.51 -17.74
CA PRO B 102 -8.46 40.52 -18.17
C PRO B 102 -8.98 39.61 -19.27
N VAL B 103 -10.30 39.50 -19.38
CA VAL B 103 -10.86 38.66 -20.42
C VAL B 103 -11.16 39.44 -21.71
N CYS B 104 -11.95 40.52 -21.61
CA CYS B 104 -12.34 41.28 -22.80
C CYS B 104 -11.43 42.48 -23.05
N GLN B 105 -10.42 42.66 -22.20
CA GLN B 105 -9.41 43.72 -22.36
C GLN B 105 -9.98 45.13 -22.39
N ARG B 106 -11.24 45.28 -22.01
CA ARG B 106 -11.92 46.58 -21.97
C ARG B 106 -11.51 47.42 -20.79
N VAL B 107 -11.09 48.67 -21.04
CA VAL B 107 -10.81 49.63 -19.98
C VAL B 107 -12.01 49.73 -19.02
N PHE B 108 -11.73 49.90 -17.73
CA PHE B 108 -12.79 50.13 -16.78
C PHE B 108 -13.01 51.64 -16.83
N GLN B 109 -14.19 52.04 -17.27
CA GLN B 109 -14.44 53.43 -17.56
C GLN B 109 -14.55 54.26 -16.28
N THR B 110 -15.17 53.69 -15.25
CA THR B 110 -15.20 54.35 -13.94
C THR B 110 -14.40 53.47 -12.98
N GLU B 111 -13.77 54.08 -11.98
CA GLU B 111 -13.01 53.37 -10.95
C GLU B 111 -13.92 52.48 -10.12
N ALA B 112 -15.18 52.87 -10.03
CA ALA B 112 -16.18 52.09 -9.31
C ALA B 112 -16.26 50.67 -9.88
N GLU B 113 -16.36 50.59 -11.20
CA GLU B 113 -16.39 49.33 -11.93
C GLU B 113 -15.20 48.47 -11.56
N LEU B 114 -14.00 49.04 -11.73
CA LEU B 114 -12.78 48.31 -11.45
C LEU B 114 -12.85 47.65 -10.08
N GLN B 115 -13.32 48.39 -9.07
CA GLN B 115 -13.37 47.81 -7.74
C GLN B 115 -14.39 46.69 -7.64
N GLU B 116 -15.58 46.90 -8.19
CA GLU B 116 -16.60 45.85 -8.11
C GLU B 116 -16.16 44.55 -8.78
N VAL B 117 -15.46 44.65 -9.91
CA VAL B 117 -14.97 43.45 -10.59
C VAL B 117 -13.91 42.77 -9.75
N ILE B 118 -12.98 43.55 -9.22
CA ILE B 118 -12.04 43.00 -8.25
C ILE B 118 -12.85 42.35 -7.15
N SER B 119 -13.83 43.07 -6.65
CA SER B 119 -14.65 42.62 -5.54
C SER B 119 -15.36 41.28 -5.80
N ASP B 120 -15.79 41.07 -7.04
CA ASP B 120 -16.55 39.88 -7.42
C ASP B 120 -15.64 38.65 -7.42
N LEU B 121 -14.46 38.83 -7.99
CA LEU B 121 -13.48 37.75 -8.04
C LEU B 121 -12.97 37.46 -6.65
N GLN B 122 -12.76 38.49 -5.84
CA GLN B 122 -12.25 38.28 -4.49
C GLN B 122 -13.15 37.28 -3.72
N SER B 123 -14.45 37.41 -3.90
CA SER B 123 -15.44 36.58 -3.22
C SER B 123 -15.60 35.20 -3.84
N LYS B 124 -15.42 35.10 -5.16
CA LYS B 124 -15.53 33.80 -5.82
C LYS B 124 -14.46 32.84 -5.32
N LEU B 125 -13.29 33.38 -5.00
CA LEU B 125 -12.24 32.53 -4.46
C LEU B 125 -12.29 32.43 -2.95
N ARG B 126 -13.39 32.85 -2.33
CA ARG B 126 -13.34 33.08 -0.89
C ARG B 126 -13.10 31.79 -0.05
N LEU B 127 -13.65 30.64 -0.43
CA LEU B 127 -13.31 29.43 0.31
C LEU B 127 -12.39 28.48 -0.47
N ALA B 128 -11.98 28.88 -1.68
CA ALA B 128 -11.31 27.97 -2.60
C ALA B 128 -10.05 27.29 -2.01
N PRO B 129 -9.09 28.08 -1.46
CA PRO B 129 -7.90 27.37 -0.94
C PRO B 129 -8.26 26.38 0.17
N ASP B 130 -9.23 26.74 1.00
CA ASP B 130 -9.65 25.91 2.14
C ASP B 130 -10.24 24.58 1.70
N LYS B 131 -11.07 24.66 0.67
CA LYS B 131 -11.73 23.49 0.13
C LYS B 131 -10.71 22.61 -0.56
N LEU B 132 -9.75 23.25 -1.22
CA LEU B 132 -8.70 22.49 -1.90
C LEU B 132 -7.92 21.63 -0.88
N LYS B 133 -7.67 22.15 0.32
CA LYS B 133 -7.00 21.31 1.32
C LYS B 133 -7.85 20.13 1.75
N SER B 134 -9.12 20.37 2.05
CA SER B 134 -10.04 19.31 2.48
C SER B 134 -10.13 18.19 1.45
N THR B 135 -10.24 18.58 0.19
CA THR B 135 -10.32 17.65 -0.91
C THR B 135 -9.05 16.85 -1.00
N GLU B 136 -7.92 17.51 -0.80
CA GLU B 136 -6.63 16.83 -0.80
C GLU B 136 -6.45 15.84 0.36
N SER B 137 -7.00 16.16 1.53
CA SER B 137 -6.99 15.21 2.62
C SER B 137 -7.84 13.99 2.31
N GLU B 138 -9.05 14.21 1.83
CA GLU B 138 -9.91 13.08 1.45
C GLU B 138 -9.29 12.28 0.33
N LEU B 139 -8.61 12.96 -0.59
CA LEU B 139 -8.07 12.25 -1.73
C LEU B 139 -6.92 11.40 -1.22
N LYS B 140 -6.08 11.97 -0.36
CA LYS B 140 -4.96 11.22 0.22
C LYS B 140 -5.48 10.03 1.02
N LYS B 141 -6.58 10.22 1.73
CA LYS B 141 -7.09 9.14 2.56
C LYS B 141 -7.57 8.00 1.66
N LYS B 142 -8.27 8.33 0.59
CA LYS B 142 -8.77 7.32 -0.33
C LYS B 142 -7.67 6.49 -1.00
N GLU B 143 -6.57 7.15 -1.34
CA GLU B 143 -5.56 6.51 -2.14
C GLU B 143 -4.82 5.55 -1.22
N LYS B 144 -4.60 6.00 0.00
CA LYS B 144 -3.98 5.19 1.03
C LYS B 144 -4.81 3.92 1.23
N ARG B 145 -6.13 4.09 1.28
CA ARG B 145 -7.03 2.96 1.41
C ARG B 145 -6.92 2.07 0.18
N ARG B 146 -6.69 2.67 -0.98
CA ARG B 146 -6.59 1.91 -2.21
C ARG B 146 -5.28 1.12 -2.20
N ASP B 147 -4.23 1.75 -1.67
CA ASP B 147 -2.94 1.11 -1.59
C ASP B 147 -2.96 -0.15 -0.73
N GLU B 148 -3.61 -0.05 0.43
CA GLU B 148 -3.70 -1.17 1.34
C GLU B 148 -4.49 -2.31 0.71
N MSE B 149 -5.58 -1.97 0.03
CA MSE B 149 -6.37 -2.99 -0.65
C MSE B 149 -5.57 -3.80 -1.64
O MSE B 149 -5.79 -5.01 -1.79
CB MSE B 149 -7.54 -2.36 -1.39
CG MSE B 149 -8.80 -2.30 -0.58
SE MSE B 149 -10.33 -1.61 -1.53
CE MSE B 149 -11.25 -3.26 -2.02
N LEU B 150 -4.68 -3.14 -2.35
CA LEU B 150 -3.96 -3.82 -3.40
C LEU B 150 -2.91 -4.73 -2.77
N GLY B 151 -2.47 -4.36 -1.56
CA GLY B 151 -1.55 -5.17 -0.78
C GLY B 151 -2.21 -6.35 -0.05
N LEU B 152 -3.54 -6.35 0.09
CA LEU B 152 -4.19 -7.45 0.80
C LEU B 152 -4.74 -8.44 -0.20
N VAL B 153 -4.78 -8.03 -1.45
CA VAL B 153 -5.18 -8.94 -2.51
C VAL B 153 -4.33 -10.22 -2.50
N PRO B 154 -3.00 -10.09 -2.45
CA PRO B 154 -2.17 -11.30 -2.59
C PRO B 154 -2.00 -12.20 -1.36
N MSE B 155 -2.68 -11.95 -0.25
CA MSE B 155 -2.64 -12.93 0.84
C MSE B 155 -4.02 -13.44 1.22
O MSE B 155 -4.19 -14.02 2.29
CB MSE B 155 -1.95 -12.35 2.07
CG MSE B 155 -1.52 -10.93 1.92
SE MSE B 155 -1.62 -10.15 3.67
CE MSE B 155 -3.40 -10.75 4.14
N ARG B 156 -4.98 -13.17 0.36
CA ARG B 156 -6.24 -13.90 0.32
C ARG B 156 -6.03 -15.38 0.60
N GLN B 157 -4.98 -15.92 0.01
CA GLN B 157 -4.69 -17.33 0.13
C GLN B 157 -4.21 -17.66 1.53
N SER B 158 -3.24 -16.89 2.00
CA SER B 158 -2.63 -17.07 3.30
C SER B 158 -3.64 -17.01 4.44
N ILE B 159 -4.53 -16.03 4.38
CA ILE B 159 -5.55 -15.86 5.42
C ILE B 159 -6.44 -17.10 5.44
N ILE B 160 -6.67 -17.65 4.24
CA ILE B 160 -7.51 -18.83 4.09
C ILE B 160 -6.78 -20.11 4.51
N ASP B 161 -5.48 -20.14 4.26
CA ASP B 161 -4.64 -21.26 4.65
C ASP B 161 -4.58 -21.40 6.16
N LEU B 162 -4.56 -20.28 6.88
CA LEU B 162 -4.58 -20.32 8.35
C LEU B 162 -5.89 -20.91 8.84
N LYS B 163 -6.99 -20.39 8.30
CA LYS B 163 -8.33 -20.69 8.82
C LYS B 163 -8.79 -22.11 8.54
N GLU B 164 -8.36 -22.67 7.41
CA GLU B 164 -8.91 -23.94 6.96
C GLU B 164 -7.93 -25.11 7.07
N LYS B 165 -6.64 -24.81 7.17
CA LYS B 165 -5.63 -25.85 7.25
C LYS B 165 -4.87 -25.78 8.56
N GLU B 166 -4.04 -24.76 8.69
CA GLU B 166 -3.02 -24.70 9.72
C GLU B 166 -3.56 -24.71 11.13
N ILE B 167 -4.54 -23.86 11.41
CA ILE B 167 -5.07 -23.75 12.76
C ILE B 167 -5.90 -25.00 13.13
N PRO B 168 -6.79 -25.48 12.23
CA PRO B 168 -7.44 -26.73 12.60
C PRO B 168 -6.46 -27.90 12.72
N GLU B 169 -5.40 -27.90 11.92
CA GLU B 169 -4.36 -28.92 12.02
C GLU B 169 -3.71 -28.91 13.40
N LEU B 170 -3.43 -27.70 13.89
CA LEU B 170 -2.81 -27.54 15.20
C LEU B 170 -3.72 -28.01 16.34
N ARG B 171 -5.01 -27.69 16.27
CA ARG B 171 -5.97 -28.13 17.28
C ARG B 171 -5.98 -29.65 17.34
N ASN B 172 -5.76 -30.26 16.19
CA ASN B 172 -5.76 -31.69 16.06
C ASN B 172 -4.52 -32.26 16.73
N LYS B 173 -3.39 -31.58 16.57
CA LYS B 173 -2.16 -31.95 17.25
C LYS B 173 -2.33 -31.82 18.75
N LEU B 174 -3.01 -30.75 19.16
CA LEU B 174 -3.26 -30.50 20.59
C LEU B 174 -4.18 -31.57 21.18
N GLN B 175 -5.10 -32.06 20.36
CA GLN B 175 -6.02 -33.11 20.75
C GLN B 175 -5.27 -34.42 20.98
N ASN B 176 -4.39 -34.77 20.05
CA ASN B 176 -3.65 -36.01 20.07
C ASN B 176 -2.69 -36.05 21.25
N VAL B 177 -2.06 -34.90 21.51
CA VAL B 177 -1.17 -34.76 22.65
C VAL B 177 -1.95 -34.79 23.94
N ASN B 178 -3.14 -34.17 23.94
CA ASN B 178 -4.00 -34.22 25.11
C ASN B 178 -4.50 -35.65 25.38
N ARG B 179 -4.71 -36.45 24.34
CA ARG B 179 -5.10 -37.83 24.51
C ARG B 179 -3.95 -38.61 25.16
N ASP B 180 -2.72 -38.34 24.71
CA ASP B 180 -1.53 -38.99 25.26
C ASP B 180 -1.30 -38.67 26.74
N ILE B 181 -1.57 -37.43 27.13
CA ILE B 181 -1.39 -37.02 28.52
C ILE B 181 -2.40 -37.73 29.42
N GLN B 182 -3.68 -37.68 29.04
CA GLN B 182 -4.72 -38.37 29.80
C GLN B 182 -4.52 -39.90 29.87
N ARG B 183 -3.85 -40.47 28.88
CA ARG B 183 -3.56 -41.89 28.84
C ARG B 183 -2.60 -42.26 29.98
N LEU B 184 -1.77 -41.29 30.34
CA LEU B 184 -0.74 -41.47 31.37
C LEU B 184 -1.24 -41.09 32.78
N LYS B 185 -2.24 -40.21 32.87
CA LYS B 185 -2.81 -39.87 34.17
C LYS B 185 -4.29 -40.25 34.27
C1 GOL C . 9.98 -5.56 -16.09
O1 GOL C . 9.11 -4.64 -15.46
C2 GOL C . 11.42 -5.11 -15.86
O2 GOL C . 11.39 -4.00 -14.98
C3 GOL C . 12.27 -6.24 -15.26
O3 GOL C . 13.63 -5.85 -15.27
C1 GOL D . 16.43 0.93 -8.31
O1 GOL D . 15.92 0.52 -7.06
C2 GOL D . 16.07 -0.19 -9.27
O2 GOL D . 16.65 -1.38 -8.78
C3 GOL D . 16.67 0.10 -10.63
O3 GOL D . 17.71 -0.86 -10.81
ZN ZN E . -14.69 41.62 -19.48
C1 GOL F . -19.75 37.20 -6.35
O1 GOL F . -19.38 36.00 -5.72
C2 GOL F . -21.22 37.16 -6.70
O2 GOL F . -21.90 36.51 -5.64
C3 GOL F . -21.76 38.58 -6.83
O3 GOL F . -23.12 38.50 -7.19
#